data_1EJL
#
_entry.id   1EJL
#
_cell.length_a   78.228
_cell.length_b   89.858
_cell.length_c   99.490
_cell.angle_alpha   90.00
_cell.angle_beta   90.00
_cell.angle_gamma   90.00
#
_symmetry.space_group_name_H-M   'P 21 21 21'
#
loop_
_entity.id
_entity.type
_entity.pdbx_description
1 polymer 'SV40 LARGE T ANTIGEN NLS PEPTIDE'
2 polymer 'IMPORTIN ALPHA'
#
loop_
_entity_poly.entity_id
_entity_poly.type
_entity_poly.pdbx_seq_one_letter_code
_entity_poly.pdbx_strand_id
1 'polypeptide(L)' PKKKRKV A,B
2 'polypeptide(L)'
;NQGTVNWSVEDIVKGINSNNLESQLQATQAARKLLSREKQPPIDNIIRAGLIPKFVSFLGKTDCSPIQFESAWALTNIAS
GTSEQTKAVVDGGAIPAFISLLASPHAHISEQAVWALGNIAGDGSAFRDLVIKHGAIDPLLALLAVPDLSTLACGYLRNL
TWTLSNLCRNKNPAPPLDAVEQILPTLVRLLHHNDPEVLADSCWAISYLTDGPNERIEMVVKKGVVPQLVKLLGATELPI
VTPALRAIGNIVTGTDEQTQKVIDAGALAVFPSLLTNPKTNIQKEATWTMSNITAGRQDQIQQVVNHGLVPFLVGVLSKA
DFKTQKEAAWAITNYTSGGTVEQIVYLVHCGIIEPLMNLLSAKDTKIIQVILDAISNIFQAAEKLGETEKLSIMIEECGG
LDKIEALQRHENESVYKASLNLIEKYFSVEEEEDQNVVPETTSEGFAFQVQDGAPGTFNF
;
I
#
# COMPACT_ATOMS: atom_id res chain seq x y z
N PRO A 1 20.64 10.67 -2.85
CA PRO A 1 19.83 9.42 -2.86
C PRO A 1 18.88 9.39 -4.05
N LYS A 2 19.31 8.72 -5.13
CA LYS A 2 18.49 8.62 -6.34
C LYS A 2 17.20 7.84 -6.07
N LYS A 3 17.27 6.88 -5.16
CA LYS A 3 16.11 6.05 -4.81
C LYS A 3 15.03 6.97 -4.28
N LYS A 4 14.02 7.26 -5.11
CA LYS A 4 12.95 8.13 -4.65
C LYS A 4 11.79 7.36 -4.06
N ARG A 5 11.59 7.52 -2.75
CA ARG A 5 10.48 6.88 -2.06
C ARG A 5 9.22 7.67 -2.36
N LYS A 6 8.83 7.72 -3.63
CA LYS A 6 7.62 8.44 -4.05
C LYS A 6 6.45 8.01 -3.16
N VAL A 7 6.76 7.13 -2.20
CA VAL A 7 5.83 6.55 -1.23
C VAL A 7 4.54 6.01 -1.85
N PRO B 1 -11.38 -0.81 3.14
CA PRO B 1 -10.34 -1.63 3.81
C PRO B 1 -9.61 -0.89 4.90
N LYS B 2 -10.18 0.22 5.35
CA LYS B 2 -9.60 0.98 6.43
C LYS B 2 -10.55 0.66 7.58
N LYS B 3 -11.83 0.52 7.20
CA LYS B 3 -12.94 0.19 8.11
C LYS B 3 -13.95 -0.62 7.30
N LYS B 4 -14.59 -1.58 7.95
CA LYS B 4 -15.59 -2.42 7.29
C LYS B 4 -16.86 -2.42 8.10
N ARG B 5 -17.98 -2.23 7.42
CA ARG B 5 -19.27 -2.26 8.09
C ARG B 5 -19.88 -3.62 7.82
N LYS B 6 -20.36 -4.27 8.87
CA LYS B 6 -20.97 -5.59 8.73
C LYS B 6 -22.43 -5.46 8.30
N VAL B 7 -22.65 -5.58 6.99
CA VAL B 7 -23.98 -5.48 6.41
C VAL B 7 -24.72 -6.80 6.53
N GLY C 3 -40.07 -8.98 14.40
CA GLY C 3 -39.83 -8.69 15.84
C GLY C 3 -38.95 -7.47 16.05
N THR C 4 -37.71 -7.55 15.57
CA THR C 4 -36.75 -6.47 15.73
C THR C 4 -36.47 -5.70 14.43
N VAL C 5 -37.36 -5.86 13.44
CA VAL C 5 -37.20 -5.20 12.15
C VAL C 5 -37.81 -3.80 12.05
N ASN C 6 -36.97 -2.81 11.73
CA ASN C 6 -37.41 -1.42 11.57
C ASN C 6 -37.94 -0.71 12.80
N TRP C 7 -37.27 -0.84 13.94
CA TRP C 7 -37.73 -0.16 15.14
C TRP C 7 -37.37 1.31 15.05
N SER C 8 -38.06 2.13 15.82
CA SER C 8 -37.74 3.55 15.84
C SER C 8 -36.69 3.69 16.93
N VAL C 9 -35.81 4.68 16.82
CA VAL C 9 -34.78 4.87 17.83
C VAL C 9 -35.41 5.13 19.18
N GLU C 10 -36.60 5.72 19.17
CA GLU C 10 -37.28 6.00 20.43
C GLU C 10 -37.62 4.71 21.15
N ASP C 11 -37.99 3.68 20.37
CA ASP C 11 -38.33 2.37 20.92
C ASP C 11 -37.09 1.63 21.41
N ILE C 12 -36.03 1.69 20.61
CA ILE C 12 -34.77 1.04 20.98
C ILE C 12 -34.32 1.64 22.30
N VAL C 13 -34.42 2.96 22.43
CA VAL C 13 -34.03 3.63 23.65
C VAL C 13 -34.92 3.11 24.78
N LYS C 14 -36.23 3.09 24.51
CA LYS C 14 -37.21 2.62 25.47
C LYS C 14 -36.83 1.26 26.04
N GLY C 15 -36.51 0.32 25.15
CA GLY C 15 -36.15 -1.02 25.56
C GLY C 15 -34.81 -1.18 26.27
N ILE C 16 -33.81 -0.42 25.87
CA ILE C 16 -32.50 -0.52 26.51
C ILE C 16 -32.55 0.10 27.90
N ASN C 17 -33.53 0.97 28.10
CA ASN C 17 -33.68 1.64 29.38
C ASN C 17 -34.54 0.85 30.36
N SER C 18 -35.20 -0.18 29.85
CA SER C 18 -36.05 -1.04 30.69
C SER C 18 -35.15 -1.81 31.64
N ASN C 19 -35.74 -2.53 32.59
CA ASN C 19 -34.95 -3.31 33.53
C ASN C 19 -34.89 -4.77 33.11
N ASN C 20 -35.54 -5.07 32.00
CA ASN C 20 -35.63 -6.44 31.49
C ASN C 20 -34.48 -6.83 30.58
N LEU C 21 -33.56 -7.65 31.09
CA LEU C 21 -32.41 -8.08 30.27
C LEU C 21 -32.84 -8.49 28.87
N GLU C 22 -33.95 -9.22 28.80
CA GLU C 22 -34.49 -9.68 27.53
C GLU C 22 -34.99 -8.52 26.69
N SER C 23 -35.73 -7.61 27.33
CA SER C 23 -36.25 -6.45 26.63
C SER C 23 -35.09 -5.69 26.01
N GLN C 24 -34.00 -5.58 26.77
CA GLN C 24 -32.80 -4.90 26.30
C GLN C 24 -32.16 -5.63 25.13
N LEU C 25 -32.15 -6.95 25.20
CA LEU C 25 -31.57 -7.76 24.14
C LEU C 25 -32.34 -7.52 22.84
N GLN C 26 -33.65 -7.63 22.91
CA GLN C 26 -34.46 -7.42 21.72
C GLN C 26 -34.29 -6.01 21.19
N ALA C 27 -34.15 -5.04 22.09
CA ALA C 27 -33.99 -3.66 21.66
C ALA C 27 -32.61 -3.50 21.01
N THR C 28 -31.61 -4.16 21.58
CA THR C 28 -30.26 -4.08 21.04
C THR C 28 -30.15 -4.76 19.69
N GLN C 29 -30.90 -5.85 19.50
CA GLN C 29 -30.86 -6.52 18.21
C GLN C 29 -31.53 -5.64 17.17
N ALA C 30 -32.48 -4.83 17.61
CA ALA C 30 -33.18 -3.92 16.70
C ALA C 30 -32.22 -2.81 16.29
N ALA C 31 -31.39 -2.36 17.23
CA ALA C 31 -30.40 -1.32 16.98
C ALA C 31 -29.39 -1.89 15.98
N ARG C 32 -28.99 -3.14 16.20
CA ARG C 32 -28.03 -3.78 15.32
C ARG C 32 -28.58 -3.83 13.91
N LYS C 33 -29.85 -4.15 13.75
CA LYS C 33 -30.41 -4.22 12.41
C LYS C 33 -30.47 -2.86 11.73
N LEU C 34 -30.84 -1.83 12.48
CA LEU C 34 -30.89 -0.49 11.91
C LEU C 34 -29.52 -0.20 11.30
N LEU C 35 -28.47 -0.58 12.04
CA LEU C 35 -27.10 -0.36 11.64
C LEU C 35 -26.57 -1.30 10.57
N SER C 36 -27.33 -2.35 10.26
CA SER C 36 -26.92 -3.33 9.25
C SER C 36 -27.67 -3.26 7.93
N ARG C 37 -28.63 -2.36 7.81
CA ARG C 37 -29.39 -2.24 6.57
C ARG C 37 -28.43 -1.66 5.51
N GLU C 38 -28.48 -2.22 4.30
CA GLU C 38 -27.59 -1.79 3.22
C GLU C 38 -27.56 -0.29 2.92
N LYS C 39 -28.54 0.47 3.41
CA LYS C 39 -28.56 1.89 3.10
C LYS C 39 -28.60 2.86 4.27
N GLN C 40 -27.76 3.89 4.17
CA GLN C 40 -27.67 4.94 5.19
C GLN C 40 -28.12 4.55 6.59
N PRO C 41 -27.22 3.92 7.37
CA PRO C 41 -27.51 3.50 8.74
C PRO C 41 -27.50 4.70 9.68
N PRO C 42 -28.52 4.83 10.54
CA PRO C 42 -28.64 5.94 11.49
C PRO C 42 -27.57 6.02 12.59
N ILE C 43 -26.30 5.88 12.20
CA ILE C 43 -25.21 5.96 13.16
C ILE C 43 -25.29 7.18 14.09
N ASP C 44 -25.40 8.37 13.51
CA ASP C 44 -25.46 9.58 14.33
C ASP C 44 -26.66 9.64 15.29
N ASN C 45 -27.80 9.12 14.90
CA ASN C 45 -28.97 9.14 15.76
C ASN C 45 -28.81 8.20 16.94
N ILE C 46 -28.12 7.09 16.69
CA ILE C 46 -27.88 6.10 17.72
C ILE C 46 -26.88 6.73 18.68
N ILE C 47 -25.83 7.33 18.15
CA ILE C 47 -24.85 7.94 19.03
C ILE C 47 -25.57 9.02 19.84
N ARG C 48 -26.29 9.87 19.13
CA ARG C 48 -27.05 10.98 19.71
C ARG C 48 -27.99 10.56 20.84
N ALA C 49 -28.61 9.39 20.68
CA ALA C 49 -29.52 8.87 21.70
C ALA C 49 -28.79 8.46 22.96
N GLY C 50 -27.46 8.50 22.91
CA GLY C 50 -26.64 8.12 24.05
C GLY C 50 -26.62 6.63 24.34
N LEU C 51 -26.73 5.81 23.30
CA LEU C 51 -26.74 4.35 23.46
C LEU C 51 -25.37 3.62 23.57
N ILE C 52 -24.28 4.27 23.17
CA ILE C 52 -22.97 3.63 23.21
C ILE C 52 -22.54 3.10 24.58
N PRO C 53 -22.75 3.89 25.64
CA PRO C 53 -22.37 3.45 26.99
C PRO C 53 -23.12 2.20 27.40
N LYS C 54 -24.35 2.05 26.92
CA LYS C 54 -25.18 0.89 27.21
C LYS C 54 -24.63 -0.33 26.50
N PHE C 55 -24.34 -0.16 25.21
CA PHE C 55 -23.79 -1.25 24.42
C PHE C 55 -22.48 -1.69 25.02
N VAL C 56 -21.53 -0.77 25.14
CA VAL C 56 -20.23 -1.10 25.71
C VAL C 56 -20.50 -1.92 26.98
N SER C 57 -21.49 -1.49 27.76
CA SER C 57 -21.86 -2.18 28.98
C SER C 57 -22.38 -3.61 28.76
N PHE C 58 -23.11 -3.83 27.66
CA PHE C 58 -23.63 -5.17 27.39
C PHE C 58 -22.51 -6.10 26.97
N LEU C 59 -21.39 -5.54 26.52
CA LEU C 59 -20.26 -6.38 26.10
C LEU C 59 -19.81 -7.29 27.24
N GLY C 60 -19.87 -6.78 28.47
CA GLY C 60 -19.43 -7.56 29.61
C GLY C 60 -20.40 -8.58 30.18
N LYS C 61 -21.66 -8.53 29.80
CA LYS C 61 -22.63 -9.49 30.34
C LYS C 61 -22.37 -10.92 29.89
N THR C 62 -21.36 -11.52 30.52
CA THR C 62 -20.93 -12.89 30.22
C THR C 62 -22.05 -13.91 30.23
N ASP C 63 -23.05 -13.69 31.07
CA ASP C 63 -24.16 -14.63 31.14
C ASP C 63 -25.13 -14.53 29.97
N CYS C 64 -25.05 -13.45 29.22
CA CYS C 64 -25.96 -13.29 28.10
C CYS C 64 -25.20 -13.11 26.78
N SER C 65 -24.55 -14.18 26.34
CA SER C 65 -23.76 -14.13 25.12
C SER C 65 -24.49 -13.43 23.97
N PRO C 66 -25.81 -13.68 23.82
CA PRO C 66 -26.54 -13.03 22.73
C PRO C 66 -26.45 -11.51 22.71
N ILE C 67 -26.65 -10.88 23.87
CA ILE C 67 -26.57 -9.42 23.94
C ILE C 67 -25.12 -8.99 23.75
N GLN C 68 -24.18 -9.88 24.06
CA GLN C 68 -22.75 -9.58 23.88
C GLN C 68 -22.53 -9.43 22.37
N PHE C 69 -23.01 -10.43 21.63
CA PHE C 69 -22.89 -10.44 20.18
C PHE C 69 -23.58 -9.26 19.53
N GLU C 70 -24.85 -9.06 19.85
CA GLU C 70 -25.62 -7.95 19.29
C GLU C 70 -25.00 -6.57 19.50
N SER C 71 -24.61 -6.27 20.74
CA SER C 71 -24.01 -4.97 21.01
C SER C 71 -22.65 -4.88 20.32
N ALA C 72 -21.95 -6.00 20.25
CA ALA C 72 -20.64 -6.04 19.60
C ALA C 72 -20.80 -5.62 18.16
N TRP C 73 -21.75 -6.25 17.49
CA TRP C 73 -22.03 -5.95 16.09
C TRP C 73 -22.43 -4.48 15.96
N ALA C 74 -23.34 -4.04 16.83
CA ALA C 74 -23.81 -2.65 16.82
C ALA C 74 -22.63 -1.70 16.96
N LEU C 75 -21.81 -1.90 17.99
CA LEU C 75 -20.65 -1.05 18.20
C LEU C 75 -19.65 -1.16 17.06
N THR C 76 -19.61 -2.31 16.40
CA THR C 76 -18.67 -2.50 15.30
C THR C 76 -19.02 -1.60 14.13
N ASN C 77 -20.31 -1.51 13.84
CA ASN C 77 -20.77 -0.70 12.72
C ASN C 77 -20.70 0.79 13.02
N ILE C 78 -20.84 1.17 14.28
CA ILE C 78 -20.72 2.58 14.63
C ILE C 78 -19.24 2.93 14.38
N ALA C 79 -18.34 2.07 14.85
CA ALA C 79 -16.91 2.27 14.65
C ALA C 79 -16.49 2.22 13.18
N SER C 80 -17.40 1.77 12.32
CA SER C 80 -17.09 1.67 10.90
C SER C 80 -17.21 3.01 10.17
N GLY C 81 -17.90 3.96 10.79
CA GLY C 81 -18.08 5.27 10.19
C GLY C 81 -16.91 6.24 10.21
N THR C 82 -17.24 7.52 10.35
CA THR C 82 -16.26 8.60 10.39
C THR C 82 -15.42 8.57 11.67
N SER C 83 -14.24 9.20 11.63
CA SER C 83 -13.35 9.26 12.80
C SER C 83 -14.08 9.68 14.07
N GLU C 84 -15.04 10.57 13.93
CA GLU C 84 -15.77 11.04 15.10
C GLU C 84 -16.64 9.94 15.67
N GLN C 85 -17.30 9.20 14.79
CA GLN C 85 -18.18 8.10 15.20
C GLN C 85 -17.34 7.02 15.89
N THR C 86 -16.18 6.74 15.31
CA THR C 86 -15.25 5.76 15.86
C THR C 86 -14.77 6.28 17.22
N LYS C 87 -14.58 7.60 17.29
CA LYS C 87 -14.15 8.21 18.52
C LYS C 87 -15.20 7.97 19.59
N ALA C 88 -16.48 8.10 19.21
CA ALA C 88 -17.59 7.91 20.14
C ALA C 88 -17.49 6.55 20.80
N VAL C 89 -17.24 5.53 19.99
CA VAL C 89 -17.10 4.17 20.48
C VAL C 89 -15.89 4.06 21.42
N VAL C 90 -14.74 4.59 20.99
CA VAL C 90 -13.56 4.52 21.85
C VAL C 90 -13.85 5.25 23.18
N ASP C 91 -14.49 6.41 23.08
CA ASP C 91 -14.82 7.18 24.28
C ASP C 91 -15.68 6.40 25.28
N GLY C 92 -16.54 5.52 24.78
CA GLY C 92 -17.42 4.74 25.65
C GLY C 92 -16.77 3.65 26.50
N GLY C 93 -15.47 3.44 26.35
CA GLY C 93 -14.75 2.41 27.11
C GLY C 93 -14.70 1.07 26.39
N ALA C 94 -15.09 1.08 25.13
CA ALA C 94 -15.15 -0.13 24.31
C ALA C 94 -13.86 -0.91 24.05
N ILE C 95 -12.73 -0.23 23.90
CA ILE C 95 -11.49 -0.95 23.61
C ILE C 95 -11.17 -2.08 24.63
N PRO C 96 -10.98 -1.72 25.92
CA PRO C 96 -10.68 -2.79 26.87
C PRO C 96 -11.74 -3.88 26.85
N ALA C 97 -12.99 -3.49 26.61
CA ALA C 97 -14.10 -4.44 26.56
C ALA C 97 -14.00 -5.39 25.38
N PHE C 98 -13.78 -4.85 24.18
CA PHE C 98 -13.65 -5.68 22.99
C PHE C 98 -12.46 -6.63 23.11
N ILE C 99 -11.38 -6.14 23.70
CA ILE C 99 -10.20 -6.96 23.88
C ILE C 99 -10.57 -8.13 24.79
N SER C 100 -11.45 -7.87 25.75
CA SER C 100 -11.85 -8.93 26.65
C SER C 100 -12.60 -10.01 25.90
N LEU C 101 -13.42 -9.62 24.94
CA LEU C 101 -14.22 -10.57 24.17
C LEU C 101 -13.42 -11.50 23.26
N LEU C 102 -12.14 -11.19 23.05
CA LEU C 102 -11.35 -12.04 22.18
C LEU C 102 -11.22 -13.45 22.76
N ALA C 103 -11.27 -13.56 24.08
CA ALA C 103 -11.15 -14.86 24.75
C ALA C 103 -12.52 -15.55 24.96
N SER C 104 -13.55 -15.03 24.31
CA SER C 104 -14.88 -15.60 24.43
C SER C 104 -14.93 -17.00 23.84
N PRO C 105 -15.72 -17.89 24.44
CA PRO C 105 -15.91 -19.29 24.03
C PRO C 105 -16.72 -19.34 22.75
N HIS C 106 -17.35 -18.22 22.43
CA HIS C 106 -18.18 -18.12 21.24
C HIS C 106 -17.38 -17.47 20.13
N ALA C 107 -16.88 -18.30 19.23
CA ALA C 107 -16.08 -17.82 18.12
C ALA C 107 -16.73 -16.64 17.43
N HIS C 108 -18.06 -16.66 17.28
CA HIS C 108 -18.73 -15.57 16.60
C HIS C 108 -18.69 -14.24 17.35
N ILE C 109 -18.53 -14.30 18.68
CA ILE C 109 -18.45 -13.10 19.50
C ILE C 109 -17.01 -12.64 19.50
N SER C 110 -16.09 -13.61 19.42
CA SER C 110 -14.67 -13.29 19.37
C SER C 110 -14.42 -12.58 18.05
N GLU C 111 -14.92 -13.18 16.97
CA GLU C 111 -14.78 -12.61 15.64
C GLU C 111 -15.23 -11.14 15.67
N GLN C 112 -16.43 -10.90 16.22
CA GLN C 112 -16.98 -9.56 16.35
C GLN C 112 -16.01 -8.64 17.08
N ALA C 113 -15.43 -9.13 18.16
CA ALA C 113 -14.47 -8.35 18.91
C ALA C 113 -13.33 -7.96 17.97
N VAL C 114 -12.84 -8.95 17.21
CA VAL C 114 -11.75 -8.75 16.26
C VAL C 114 -12.10 -7.72 15.19
N TRP C 115 -13.32 -7.81 14.67
CA TRP C 115 -13.79 -6.89 13.65
C TRP C 115 -13.83 -5.45 14.18
N ALA C 116 -14.40 -5.28 15.37
CA ALA C 116 -14.52 -3.97 16.01
C ALA C 116 -13.13 -3.36 16.28
N LEU C 117 -12.24 -4.12 16.90
CA LEU C 117 -10.90 -3.61 17.16
C LEU C 117 -10.25 -3.27 15.82
N GLY C 118 -10.64 -4.00 14.78
CA GLY C 118 -10.12 -3.73 13.44
C GLY C 118 -10.51 -2.32 13.01
N ASN C 119 -11.82 -2.02 13.03
CA ASN C 119 -12.33 -0.71 12.66
C ASN C 119 -11.71 0.42 13.48
N ILE C 120 -11.51 0.19 14.77
CA ILE C 120 -10.93 1.21 15.66
C ILE C 120 -9.48 1.52 15.32
N ALA C 121 -8.64 0.49 15.23
CA ALA C 121 -7.23 0.70 14.92
C ALA C 121 -7.13 1.26 13.49
N GLY C 122 -8.03 0.83 12.63
CA GLY C 122 -8.01 1.32 11.27
C GLY C 122 -8.24 2.83 11.13
N ASP C 123 -8.69 3.47 12.20
CA ASP C 123 -8.95 4.89 12.15
C ASP C 123 -7.67 5.71 11.95
N GLY C 124 -6.56 5.21 12.47
CA GLY C 124 -5.30 5.93 12.34
C GLY C 124 -4.32 5.60 13.45
N SER C 125 -3.12 6.17 13.35
CA SER C 125 -2.03 5.97 14.31
C SER C 125 -2.44 5.90 15.77
N ALA C 126 -3.07 6.98 16.23
CA ALA C 126 -3.50 7.12 17.60
C ALA C 126 -4.32 5.97 18.15
N PHE C 127 -5.50 5.72 17.58
CA PHE C 127 -6.31 4.62 18.08
C PHE C 127 -5.55 3.31 17.92
N ARG C 128 -4.82 3.18 16.80
CA ARG C 128 -4.02 1.98 16.53
C ARG C 128 -3.12 1.73 17.73
N ASP C 129 -2.43 2.77 18.16
CA ASP C 129 -1.52 2.64 19.28
C ASP C 129 -2.24 2.52 20.61
N LEU C 130 -3.47 3.01 20.69
CA LEU C 130 -4.24 2.89 21.95
C LEU C 130 -4.74 1.43 22.09
N VAL C 131 -5.08 0.81 20.96
CA VAL C 131 -5.50 -0.60 20.95
C VAL C 131 -4.29 -1.43 21.42
N ILE C 132 -3.12 -1.08 20.90
CA ILE C 132 -1.89 -1.77 21.25
C ILE C 132 -1.56 -1.58 22.74
N LYS C 133 -1.80 -0.40 23.28
CA LYS C 133 -1.49 -0.17 24.70
C LYS C 133 -2.44 -0.96 25.62
N HIS C 134 -3.66 -1.23 25.15
CA HIS C 134 -4.62 -1.99 25.94
C HIS C 134 -4.28 -3.48 25.82
N GLY C 135 -3.18 -3.77 25.12
CA GLY C 135 -2.74 -5.14 24.97
C GLY C 135 -3.60 -6.06 24.12
N ALA C 136 -3.92 -5.64 22.91
CA ALA C 136 -4.74 -6.47 22.05
C ALA C 136 -3.93 -7.46 21.22
N ILE C 137 -2.68 -7.13 20.93
CA ILE C 137 -1.85 -8.01 20.09
C ILE C 137 -1.71 -9.43 20.62
N ASP C 138 -1.48 -9.58 21.92
CA ASP C 138 -1.35 -10.92 22.52
C ASP C 138 -2.60 -11.76 22.28
N PRO C 139 -3.77 -11.27 22.72
CA PRO C 139 -5.03 -12.00 22.55
C PRO C 139 -5.25 -12.33 21.08
N LEU C 140 -5.05 -11.36 20.20
CA LEU C 140 -5.23 -11.58 18.77
C LEU C 140 -4.33 -12.71 18.29
N LEU C 141 -3.03 -12.55 18.50
CA LEU C 141 -2.05 -13.56 18.06
C LEU C 141 -2.32 -14.95 18.61
N ALA C 142 -2.87 -15.01 19.81
CA ALA C 142 -3.20 -16.27 20.46
C ALA C 142 -4.27 -17.01 19.66
N LEU C 143 -5.20 -16.26 19.06
CA LEU C 143 -6.28 -16.84 18.27
C LEU C 143 -5.78 -17.58 17.04
N LEU C 144 -4.60 -17.21 16.57
CA LEU C 144 -4.03 -17.84 15.38
C LEU C 144 -2.98 -18.89 15.70
N ALA C 145 -2.74 -19.11 16.99
CA ALA C 145 -1.72 -20.08 17.39
C ALA C 145 -2.24 -21.52 17.32
N VAL C 146 -2.37 -22.02 16.09
CA VAL C 146 -2.81 -23.39 15.86
C VAL C 146 -1.82 -24.03 14.89
N PRO C 147 -1.75 -25.36 14.86
CA PRO C 147 -0.83 -26.08 13.96
C PRO C 147 -1.04 -25.77 12.49
N ASP C 148 -2.30 -25.75 12.09
CA ASP C 148 -2.66 -25.51 10.71
C ASP C 148 -3.75 -24.47 10.59
N LEU C 149 -3.44 -23.34 9.97
CA LEU C 149 -4.42 -22.28 9.80
C LEU C 149 -5.68 -22.78 9.11
N SER C 150 -5.52 -23.80 8.29
CA SER C 150 -6.66 -24.35 7.57
C SER C 150 -7.80 -24.85 8.46
N THR C 151 -7.49 -25.22 9.70
CA THR C 151 -8.55 -25.71 10.58
C THR C 151 -9.47 -24.60 11.08
N LEU C 152 -9.08 -23.36 10.85
CA LEU C 152 -9.88 -22.23 11.30
C LEU C 152 -10.90 -21.86 10.24
N ALA C 153 -12.00 -21.24 10.67
CA ALA C 153 -13.03 -20.82 9.74
C ALA C 153 -12.47 -19.78 8.79
N CYS C 154 -12.74 -19.96 7.51
CA CYS C 154 -12.25 -19.06 6.50
C CYS C 154 -12.47 -17.58 6.83
N GLY C 155 -13.72 -17.22 7.08
CA GLY C 155 -14.03 -15.84 7.39
C GLY C 155 -13.44 -15.34 8.68
N TYR C 156 -13.34 -16.24 9.66
CA TYR C 156 -12.78 -15.92 10.97
C TYR C 156 -11.32 -15.52 10.79
N LEU C 157 -10.60 -16.33 10.01
CA LEU C 157 -9.18 -16.12 9.72
C LEU C 157 -8.96 -14.87 8.90
N ARG C 158 -9.91 -14.54 8.04
CA ARG C 158 -9.77 -13.35 7.24
C ARG C 158 -9.89 -12.11 8.13
N ASN C 159 -10.81 -12.14 9.07
CA ASN C 159 -10.99 -11.02 9.97
C ASN C 159 -9.74 -10.71 10.76
N LEU C 160 -9.09 -11.76 11.26
CA LEU C 160 -7.87 -11.60 12.03
C LEU C 160 -6.79 -11.02 11.13
N THR C 161 -6.57 -11.64 9.97
CA THR C 161 -5.57 -11.13 9.06
C THR C 161 -5.86 -9.65 8.78
N TRP C 162 -7.13 -9.32 8.55
CA TRP C 162 -7.47 -7.93 8.26
C TRP C 162 -7.13 -7.00 9.43
N THR C 163 -7.65 -7.30 10.62
CA THR C 163 -7.36 -6.47 11.78
C THR C 163 -5.85 -6.35 12.03
N LEU C 164 -5.11 -7.44 11.80
CA LEU C 164 -3.67 -7.39 11.99
C LEU C 164 -3.06 -6.40 11.00
N SER C 165 -3.55 -6.41 9.76
CA SER C 165 -3.00 -5.51 8.77
C SER C 165 -3.19 -4.06 9.24
N ASN C 166 -4.27 -3.77 9.94
CA ASN C 166 -4.49 -2.40 10.42
C ASN C 166 -3.60 -1.99 11.59
N LEU C 167 -3.04 -2.98 12.29
CA LEU C 167 -2.15 -2.70 13.40
C LEU C 167 -0.78 -2.40 12.83
N CYS C 168 -0.60 -2.73 11.55
CA CYS C 168 0.67 -2.47 10.86
C CYS C 168 0.51 -1.25 9.96
N ARG C 169 -0.71 -0.72 9.90
CA ARG C 169 -1.01 0.42 9.05
C ARG C 169 -0.71 1.81 9.61
N ASN C 170 -0.59 2.78 8.71
CA ASN C 170 -0.31 4.19 9.02
C ASN C 170 1.16 4.44 9.34
N LYS C 171 1.60 5.65 8.99
CA LYS C 171 3.00 6.04 9.16
C LYS C 171 3.40 7.13 10.15
N ASN C 172 2.51 8.04 10.52
CA ASN C 172 2.96 9.07 11.43
C ASN C 172 2.34 9.03 12.80
N PRO C 173 2.93 8.27 13.74
CA PRO C 173 4.15 7.48 13.53
C PRO C 173 3.86 6.04 13.10
N ALA C 174 4.91 5.32 12.75
CA ALA C 174 4.76 3.94 12.34
C ALA C 174 4.43 3.17 13.60
N PRO C 175 3.82 1.99 13.46
CA PRO C 175 3.47 1.17 14.62
C PRO C 175 4.70 1.04 15.51
N PRO C 176 4.50 0.79 16.82
CA PRO C 176 5.68 0.64 17.70
C PRO C 176 6.57 -0.46 17.17
N LEU C 177 7.87 -0.30 17.31
CA LEU C 177 8.79 -1.31 16.81
C LEU C 177 8.58 -2.71 17.36
N ASP C 178 8.45 -2.83 18.68
CA ASP C 178 8.30 -4.15 19.28
C ASP C 178 6.95 -4.79 18.97
N ALA C 179 6.01 -3.99 18.49
CA ALA C 179 4.70 -4.50 18.13
C ALA C 179 4.85 -5.16 16.77
N VAL C 180 5.62 -4.53 15.90
CA VAL C 180 5.84 -5.08 14.58
C VAL C 180 6.63 -6.37 14.71
N GLU C 181 7.54 -6.40 15.67
CA GLU C 181 8.36 -7.57 15.92
C GLU C 181 7.52 -8.74 16.42
N GLN C 182 6.51 -8.41 17.20
CA GLN C 182 5.62 -9.38 17.81
C GLN C 182 4.61 -9.93 16.81
N ILE C 183 4.24 -9.09 15.85
CA ILE C 183 3.27 -9.48 14.84
C ILE C 183 3.92 -10.21 13.66
N LEU C 184 5.07 -9.72 13.20
CA LEU C 184 5.77 -10.29 12.05
C LEU C 184 5.81 -11.81 11.87
N PRO C 185 6.22 -12.56 12.92
CA PRO C 185 6.27 -14.02 12.79
C PRO C 185 4.94 -14.62 12.38
N THR C 186 3.85 -14.04 12.88
CA THR C 186 2.50 -14.50 12.56
C THR C 186 2.14 -14.02 11.16
N LEU C 187 2.55 -12.80 10.86
CA LEU C 187 2.26 -12.24 9.55
C LEU C 187 2.94 -13.10 8.49
N VAL C 188 4.19 -13.49 8.73
CA VAL C 188 4.91 -14.32 7.77
C VAL C 188 4.15 -15.61 7.53
N ARG C 189 3.64 -16.21 8.60
CA ARG C 189 2.89 -17.46 8.48
C ARG C 189 1.61 -17.27 7.66
N LEU C 190 0.95 -16.13 7.82
CA LEU C 190 -0.27 -15.88 7.06
C LEU C 190 0.06 -15.63 5.59
N LEU C 191 1.25 -15.09 5.33
CA LEU C 191 1.68 -14.78 3.99
C LEU C 191 1.86 -16.05 3.17
N HIS C 192 1.72 -17.19 3.85
CA HIS C 192 1.86 -18.48 3.19
C HIS C 192 0.55 -19.28 3.18
N HIS C 193 -0.54 -18.65 3.62
CA HIS C 193 -1.84 -19.33 3.65
C HIS C 193 -2.41 -19.43 2.24
N ASN C 194 -3.32 -20.36 2.02
CA ASN C 194 -3.88 -20.57 0.70
C ASN C 194 -5.14 -19.79 0.37
N ASP C 195 -5.45 -18.73 1.09
CA ASP C 195 -6.64 -17.95 0.78
C ASP C 195 -6.26 -16.66 0.09
N PRO C 196 -6.91 -16.36 -1.05
CA PRO C 196 -6.56 -15.12 -1.75
C PRO C 196 -6.73 -13.86 -0.89
N GLU C 197 -7.71 -13.86 0.02
CA GLU C 197 -7.94 -12.69 0.87
C GLU C 197 -6.89 -12.59 1.97
N VAL C 198 -6.61 -13.71 2.64
CA VAL C 198 -5.60 -13.71 3.68
C VAL C 198 -4.29 -13.25 3.05
N LEU C 199 -4.05 -13.67 1.81
CA LEU C 199 -2.82 -13.30 1.09
C LEU C 199 -2.76 -11.82 0.70
N ALA C 200 -3.83 -11.32 0.12
CA ALA C 200 -3.86 -9.91 -0.28
C ALA C 200 -3.67 -9.02 0.95
N ASP C 201 -4.38 -9.32 2.04
CA ASP C 201 -4.27 -8.52 3.27
C ASP C 201 -2.91 -8.67 3.95
N SER C 202 -2.31 -9.86 3.88
CA SER C 202 -0.99 -10.10 4.47
C SER C 202 0.01 -9.22 3.74
N CYS C 203 -0.11 -9.17 2.41
CA CYS C 203 0.75 -8.37 1.56
C CYS C 203 0.60 -6.92 1.95
N TRP C 204 -0.65 -6.47 2.02
CA TRP C 204 -0.93 -5.10 2.42
C TRP C 204 -0.21 -4.79 3.73
N ALA C 205 -0.33 -5.70 4.69
CA ALA C 205 0.33 -5.52 5.98
C ALA C 205 1.84 -5.35 5.78
N ILE C 206 2.44 -6.28 5.00
CA ILE C 206 3.87 -6.24 4.71
C ILE C 206 4.25 -4.96 3.96
N SER C 207 3.36 -4.52 3.07
CA SER C 207 3.63 -3.31 2.32
C SER C 207 3.66 -2.11 3.29
N TYR C 208 2.79 -2.13 4.29
CA TYR C 208 2.77 -1.05 5.27
C TYR C 208 4.08 -1.02 6.06
N LEU C 209 4.46 -2.15 6.63
CA LEU C 209 5.68 -2.22 7.42
C LEU C 209 6.93 -1.89 6.61
N THR C 210 6.86 -1.95 5.28
CA THR C 210 8.03 -1.64 4.45
C THR C 210 8.04 -0.23 3.86
N ASP C 211 7.06 0.58 4.23
CA ASP C 211 6.96 1.97 3.75
C ASP C 211 7.50 2.93 4.81
N GLY C 212 8.78 3.24 4.72
CA GLY C 212 9.41 4.15 5.66
C GLY C 212 10.90 3.92 5.69
N PRO C 213 11.59 4.28 6.79
CA PRO C 213 13.05 4.10 6.93
C PRO C 213 13.53 2.68 6.59
N ASN C 214 14.81 2.54 6.23
CA ASN C 214 15.36 1.24 5.87
C ASN C 214 15.42 0.24 7.02
N GLU C 215 15.45 0.74 8.25
CA GLU C 215 15.50 -0.12 9.43
C GLU C 215 14.22 -0.93 9.45
N ARG C 216 13.14 -0.28 9.07
CA ARG C 216 11.82 -0.88 9.01
C ARG C 216 11.79 -1.95 7.93
N ILE C 217 12.36 -1.62 6.76
CA ILE C 217 12.41 -2.56 5.66
C ILE C 217 13.22 -3.77 6.09
N GLU C 218 14.34 -3.53 6.76
CA GLU C 218 15.21 -4.61 7.22
C GLU C 218 14.49 -5.59 8.15
N MET C 219 13.58 -5.07 8.98
CA MET C 219 12.81 -5.91 9.88
C MET C 219 12.05 -6.97 9.10
N VAL C 220 11.48 -6.53 7.97
CA VAL C 220 10.71 -7.41 7.11
C VAL C 220 11.60 -8.32 6.26
N VAL C 221 12.52 -7.71 5.52
CA VAL C 221 13.41 -8.47 4.66
C VAL C 221 14.12 -9.58 5.41
N LYS C 222 14.54 -9.29 6.64
CA LYS C 222 15.28 -10.28 7.42
C LYS C 222 14.45 -11.50 7.83
N LYS C 223 13.16 -11.48 7.55
CA LYS C 223 12.28 -12.60 7.87
C LYS C 223 12.17 -13.53 6.67
N GLY C 224 12.92 -13.21 5.61
CA GLY C 224 12.92 -14.01 4.39
C GLY C 224 11.61 -14.11 3.62
N VAL C 225 10.85 -13.02 3.61
CA VAL C 225 9.57 -13.01 2.91
C VAL C 225 9.65 -12.51 1.46
N VAL C 226 10.82 -12.01 1.05
CA VAL C 226 10.97 -11.50 -0.30
C VAL C 226 10.66 -12.57 -1.35
N PRO C 227 11.20 -13.79 -1.15
CA PRO C 227 10.91 -14.85 -2.12
C PRO C 227 9.41 -15.06 -2.23
N GLN C 228 8.73 -15.15 -1.09
CA GLN C 228 7.29 -15.36 -1.07
C GLN C 228 6.55 -14.19 -1.71
N LEU C 229 7.08 -12.98 -1.56
CA LEU C 229 6.44 -11.81 -2.16
C LEU C 229 6.60 -11.82 -3.67
N VAL C 230 7.78 -12.24 -4.14
CA VAL C 230 8.03 -12.30 -5.56
C VAL C 230 7.08 -13.30 -6.21
N LYS C 231 6.80 -14.39 -5.50
CA LYS C 231 5.89 -15.40 -6.01
C LYS C 231 4.46 -14.84 -6.07
N LEU C 232 4.01 -14.19 -5.00
CA LEU C 232 2.66 -13.62 -4.99
C LEU C 232 2.63 -12.53 -6.05
N LEU C 233 3.81 -12.03 -6.39
CA LEU C 233 3.94 -10.99 -7.40
C LEU C 233 3.46 -11.55 -8.73
N GLY C 234 3.54 -12.86 -8.88
CA GLY C 234 3.11 -13.49 -10.11
C GLY C 234 1.70 -14.01 -9.98
N ALA C 235 0.99 -13.62 -8.93
CA ALA C 235 -0.40 -14.07 -8.73
C ALA C 235 -1.35 -13.76 -9.89
N THR C 236 -2.38 -14.58 -10.01
CA THR C 236 -3.39 -14.41 -11.05
C THR C 236 -4.36 -13.31 -10.65
N GLU C 237 -4.58 -13.20 -9.34
CA GLU C 237 -5.51 -12.23 -8.77
C GLU C 237 -4.93 -10.84 -8.55
N LEU C 238 -5.51 -9.85 -9.23
CA LEU C 238 -5.06 -8.47 -9.10
C LEU C 238 -5.02 -8.05 -7.63
N PRO C 239 -6.03 -8.46 -6.84
CA PRO C 239 -6.10 -8.13 -5.41
C PRO C 239 -4.87 -8.57 -4.62
N ILE C 240 -4.14 -9.56 -5.14
CA ILE C 240 -2.93 -10.02 -4.47
C ILE C 240 -1.75 -9.32 -5.08
N VAL C 241 -1.69 -9.31 -6.41
CA VAL C 241 -0.58 -8.68 -7.11
C VAL C 241 -0.40 -7.22 -6.74
N THR C 242 -1.49 -6.47 -6.65
CA THR C 242 -1.38 -5.06 -6.30
C THR C 242 -0.62 -4.80 -4.99
N PRO C 243 -1.06 -5.39 -3.88
CA PRO C 243 -0.34 -5.14 -2.63
C PRO C 243 1.08 -5.72 -2.62
N ALA C 244 1.27 -6.83 -3.33
CA ALA C 244 2.57 -7.48 -3.40
C ALA C 244 3.57 -6.62 -4.16
N LEU C 245 3.16 -6.11 -5.32
CA LEU C 245 4.04 -5.26 -6.12
C LEU C 245 4.46 -4.07 -5.27
N ARG C 246 3.53 -3.57 -4.46
CA ARG C 246 3.76 -2.44 -3.59
C ARG C 246 4.84 -2.77 -2.55
N ALA C 247 4.74 -3.94 -1.93
CA ALA C 247 5.73 -4.35 -0.96
C ALA C 247 7.09 -4.39 -1.64
N ILE C 248 7.16 -5.13 -2.75
CA ILE C 248 8.40 -5.25 -3.51
C ILE C 248 8.94 -3.87 -3.89
N GLY C 249 8.04 -2.97 -4.26
CA GLY C 249 8.44 -1.62 -4.64
C GLY C 249 9.02 -0.82 -3.49
N ASN C 250 8.51 -1.02 -2.28
CA ASN C 250 9.03 -0.30 -1.13
C ASN C 250 10.41 -0.82 -0.76
N ILE C 251 10.52 -2.15 -0.64
CA ILE C 251 11.77 -2.79 -0.28
C ILE C 251 12.94 -2.30 -1.15
N VAL C 252 12.68 -1.99 -2.42
CA VAL C 252 13.75 -1.52 -3.30
C VAL C 252 14.02 -0.02 -3.24
N THR C 253 13.44 0.65 -2.24
CA THR C 253 13.68 2.06 -2.06
C THR C 253 14.75 2.15 -0.97
N GLY C 254 15.15 0.99 -0.47
CA GLY C 254 16.16 0.94 0.57
C GLY C 254 17.58 0.82 0.08
N THR C 255 18.41 0.14 0.87
CA THR C 255 19.81 -0.07 0.53
C THR C 255 19.89 -0.99 -0.66
N ASP C 256 21.03 -0.97 -1.35
CA ASP C 256 21.22 -1.81 -2.52
C ASP C 256 21.28 -3.27 -2.14
N GLU C 257 21.57 -3.54 -0.86
CA GLU C 257 21.66 -4.90 -0.37
C GLU C 257 20.24 -5.46 -0.26
N GLN C 258 19.32 -4.62 0.22
CA GLN C 258 17.93 -4.99 0.35
C GLN C 258 17.33 -5.16 -1.03
N THR C 259 17.68 -4.25 -1.94
CA THR C 259 17.23 -4.30 -3.32
C THR C 259 17.67 -5.60 -3.96
N GLN C 260 18.93 -5.96 -3.71
CA GLN C 260 19.52 -7.19 -4.24
C GLN C 260 18.69 -8.41 -3.86
N LYS C 261 18.10 -8.39 -2.67
CA LYS C 261 17.26 -9.50 -2.20
C LYS C 261 16.11 -9.79 -3.18
N VAL C 262 15.47 -8.73 -3.69
CA VAL C 262 14.36 -8.92 -4.62
C VAL C 262 14.86 -9.42 -5.97
N ILE C 263 15.99 -8.88 -6.43
CA ILE C 263 16.56 -9.31 -7.70
C ILE C 263 16.88 -10.81 -7.58
N ASP C 264 17.55 -11.18 -6.50
CA ASP C 264 17.89 -12.57 -6.28
C ASP C 264 16.64 -13.43 -6.20
N ALA C 265 15.63 -12.89 -5.55
CA ALA C 265 14.36 -13.57 -5.37
C ALA C 265 13.79 -13.96 -6.72
N GLY C 266 14.17 -13.23 -7.77
CA GLY C 266 13.69 -13.54 -9.10
C GLY C 266 12.68 -12.53 -9.63
N ALA C 267 12.46 -11.49 -8.84
CA ALA C 267 11.49 -10.47 -9.19
C ALA C 267 11.56 -10.02 -10.64
N LEU C 268 12.74 -9.58 -11.09
CA LEU C 268 12.89 -9.06 -12.44
C LEU C 268 12.21 -9.84 -13.55
N ALA C 269 12.12 -11.16 -13.41
CA ALA C 269 11.48 -11.97 -14.44
C ALA C 269 10.00 -11.66 -14.60
N VAL C 270 9.36 -11.18 -13.52
CA VAL C 270 7.94 -10.86 -13.55
C VAL C 270 7.60 -9.51 -14.19
N PHE C 271 8.60 -8.69 -14.50
CA PHE C 271 8.32 -7.38 -15.05
C PHE C 271 7.88 -7.21 -16.49
N PRO C 272 8.26 -8.13 -17.40
CA PRO C 272 7.79 -7.94 -18.77
C PRO C 272 6.26 -7.88 -18.73
N SER C 273 5.69 -8.70 -17.85
CA SER C 273 4.24 -8.74 -17.66
C SER C 273 3.76 -7.47 -16.99
N LEU C 274 4.28 -7.21 -15.81
CA LEU C 274 3.91 -6.04 -15.03
C LEU C 274 4.04 -4.73 -15.81
N LEU C 275 5.06 -4.63 -16.65
CA LEU C 275 5.28 -3.41 -17.43
C LEU C 275 4.34 -3.26 -18.62
N THR C 276 3.53 -4.29 -18.89
CA THR C 276 2.55 -4.24 -19.98
C THR C 276 1.19 -4.62 -19.44
N ASN C 277 1.08 -4.56 -18.12
CA ASN C 277 -0.15 -4.92 -17.42
C ASN C 277 -1.30 -4.02 -17.83
N PRO C 278 -2.49 -4.61 -18.00
CA PRO C 278 -3.71 -3.89 -18.38
C PRO C 278 -4.12 -2.85 -17.34
N LYS C 279 -4.09 -3.22 -16.06
CA LYS C 279 -4.47 -2.30 -14.99
C LYS C 279 -3.40 -1.21 -14.95
N THR C 280 -3.76 0.02 -15.30
CA THR C 280 -2.77 1.11 -15.36
C THR C 280 -1.95 1.29 -14.10
N ASN C 281 -2.61 1.16 -12.96
CA ASN C 281 -1.93 1.33 -11.68
C ASN C 281 -0.83 0.31 -11.40
N ILE C 282 -1.01 -0.92 -11.86
CA ILE C 282 0.01 -1.96 -11.68
C ILE C 282 1.22 -1.56 -12.51
N GLN C 283 0.94 -0.97 -13.66
CA GLN C 283 1.94 -0.52 -14.61
C GLN C 283 2.68 0.70 -14.07
N LYS C 284 1.96 1.58 -13.40
CA LYS C 284 2.55 2.78 -12.81
C LYS C 284 3.50 2.34 -11.68
N GLU C 285 3.02 1.43 -10.83
CA GLU C 285 3.78 0.92 -9.69
C GLU C 285 5.01 0.13 -10.14
N ALA C 286 4.87 -0.59 -11.25
CA ALA C 286 5.94 -1.40 -11.77
C ALA C 286 7.08 -0.56 -12.35
N THR C 287 6.72 0.52 -13.03
CA THR C 287 7.70 1.41 -13.62
C THR C 287 8.41 2.17 -12.50
N TRP C 288 7.64 2.56 -11.48
CA TRP C 288 8.19 3.24 -10.31
C TRP C 288 9.18 2.28 -9.66
N THR C 289 8.78 1.03 -9.48
CA THR C 289 9.67 0.04 -8.88
C THR C 289 10.95 -0.04 -9.71
N MET C 290 10.80 -0.09 -11.03
CA MET C 290 11.97 -0.15 -11.91
C MET C 290 12.88 1.07 -11.74
N SER C 291 12.27 2.25 -11.59
CA SER C 291 13.04 3.49 -11.44
C SER C 291 13.95 3.44 -10.22
N ASN C 292 13.58 2.63 -9.23
CA ASN C 292 14.42 2.50 -8.05
C ASN C 292 15.42 1.38 -8.20
N ILE C 293 15.28 0.58 -9.26
CA ILE C 293 16.22 -0.50 -9.47
C ILE C 293 17.34 0.05 -10.34
N THR C 294 17.01 1.03 -11.17
CA THR C 294 18.02 1.64 -12.03
C THR C 294 18.78 2.74 -11.29
N ALA C 295 18.42 2.95 -10.03
CA ALA C 295 19.08 3.95 -9.21
C ALA C 295 20.06 3.21 -8.31
N GLY C 296 20.18 1.90 -8.55
CA GLY C 296 21.08 1.09 -7.76
C GLY C 296 22.45 0.94 -8.42
N ARG C 297 23.18 -0.11 -8.04
CA ARG C 297 24.51 -0.39 -8.57
C ARG C 297 24.48 -0.75 -10.05
N GLN C 298 25.65 -0.69 -10.69
CA GLN C 298 25.76 -1.01 -12.11
C GLN C 298 25.51 -2.49 -12.39
N ASP C 299 25.97 -3.35 -11.49
CA ASP C 299 25.76 -4.78 -11.65
C ASP C 299 24.28 -5.07 -11.54
N GLN C 300 23.54 -4.16 -10.92
CA GLN C 300 22.11 -4.31 -10.76
C GLN C 300 21.42 -3.75 -11.99
N ILE C 301 22.01 -2.71 -12.56
CA ILE C 301 21.48 -2.11 -13.78
C ILE C 301 21.62 -3.16 -14.87
N GLN C 302 22.72 -3.92 -14.79
CA GLN C 302 22.98 -4.98 -15.76
C GLN C 302 21.91 -6.06 -15.66
N GLN C 303 21.45 -6.31 -14.44
CA GLN C 303 20.42 -7.31 -14.21
C GLN C 303 19.16 -6.86 -14.93
N VAL C 304 18.96 -5.55 -15.01
CA VAL C 304 17.80 -5.02 -15.70
C VAL C 304 18.02 -5.27 -17.18
N VAL C 305 19.20 -4.89 -17.66
CA VAL C 305 19.55 -5.09 -19.05
C VAL C 305 19.38 -6.55 -19.44
N ASN C 306 19.94 -7.45 -18.64
CA ASN C 306 19.88 -8.87 -18.92
C ASN C 306 18.49 -9.45 -19.09
N HIS C 307 17.50 -8.96 -18.33
CA HIS C 307 16.14 -9.47 -18.45
C HIS C 307 15.36 -8.78 -19.58
N GLY C 308 16.08 -8.24 -20.55
CA GLY C 308 15.43 -7.55 -21.65
C GLY C 308 14.40 -6.54 -21.21
N LEU C 309 14.65 -5.85 -20.10
CA LEU C 309 13.72 -4.86 -19.59
C LEU C 309 13.86 -3.46 -20.17
N VAL C 310 15.03 -3.14 -20.72
CA VAL C 310 15.22 -1.82 -21.28
C VAL C 310 14.19 -1.59 -22.39
N PRO C 311 13.96 -2.62 -23.24
CA PRO C 311 12.97 -2.45 -24.31
C PRO C 311 11.58 -2.16 -23.71
N PHE C 312 11.28 -2.80 -22.60
CA PHE C 312 10.00 -2.61 -21.92
C PHE C 312 9.87 -1.20 -21.39
N LEU C 313 10.97 -0.64 -20.93
CA LEU C 313 10.96 0.74 -20.45
C LEU C 313 10.76 1.62 -21.68
N VAL C 314 11.51 1.35 -22.75
CA VAL C 314 11.37 2.12 -23.98
C VAL C 314 9.91 2.09 -24.38
N GLY C 315 9.29 0.92 -24.17
CA GLY C 315 7.89 0.75 -24.48
C GLY C 315 6.98 1.63 -23.62
N VAL C 316 7.14 1.55 -22.31
CA VAL C 316 6.35 2.37 -21.39
C VAL C 316 6.55 3.85 -21.73
N LEU C 317 7.79 4.24 -21.94
CA LEU C 317 8.12 5.62 -22.27
C LEU C 317 7.41 6.05 -23.55
N SER C 318 7.21 5.09 -24.47
CA SER C 318 6.58 5.37 -25.75
C SER C 318 5.06 5.50 -25.70
N LYS C 319 4.40 4.72 -24.84
CA LYS C 319 2.95 4.76 -24.77
C LYS C 319 2.47 4.26 -23.43
N ALA C 320 1.82 5.13 -22.68
CA ALA C 320 1.29 4.74 -21.38
C ALA C 320 0.62 5.92 -20.71
N ASP C 321 -0.07 5.64 -19.61
CA ASP C 321 -0.71 6.69 -18.85
C ASP C 321 0.43 7.68 -18.57
N PHE C 322 0.15 8.98 -18.59
CA PHE C 322 1.23 9.95 -18.35
C PHE C 322 2.02 9.71 -17.08
N LYS C 323 1.31 9.38 -15.99
CA LYS C 323 1.96 9.13 -14.72
C LYS C 323 2.96 7.98 -14.80
N THR C 324 2.62 6.98 -15.61
CA THR C 324 3.51 5.83 -15.78
C THR C 324 4.74 6.24 -16.58
N GLN C 325 4.54 7.20 -17.49
CA GLN C 325 5.62 7.70 -18.31
C GLN C 325 6.57 8.52 -17.46
N LYS C 326 6.02 9.30 -16.53
CA LYS C 326 6.87 10.11 -15.65
C LYS C 326 7.79 9.20 -14.87
N GLU C 327 7.27 8.06 -14.43
CA GLU C 327 8.05 7.09 -13.68
C GLU C 327 9.04 6.46 -14.63
N ALA C 328 8.66 6.37 -15.90
CA ALA C 328 9.56 5.78 -16.88
C ALA C 328 10.69 6.76 -17.11
N ALA C 329 10.36 8.04 -17.21
CA ALA C 329 11.36 9.07 -17.42
C ALA C 329 12.38 9.01 -16.28
N TRP C 330 11.88 8.82 -15.06
CA TRP C 330 12.74 8.70 -13.88
C TRP C 330 13.63 7.47 -14.00
N ALA C 331 13.02 6.34 -14.33
CA ALA C 331 13.77 5.10 -14.48
C ALA C 331 14.97 5.34 -15.40
N ILE C 332 14.69 5.87 -16.58
CA ILE C 332 15.73 6.16 -17.57
C ILE C 332 16.78 7.14 -17.03
N THR C 333 16.32 8.27 -16.49
CA THR C 333 17.24 9.28 -15.96
C THR C 333 18.11 8.74 -14.80
N ASN C 334 17.60 7.76 -14.05
CA ASN C 334 18.37 7.17 -12.96
C ASN C 334 19.40 6.22 -13.55
N TYR C 335 18.97 5.51 -14.58
CA TYR C 335 19.82 4.56 -15.31
C TYR C 335 21.00 5.32 -15.93
N THR C 336 20.70 6.37 -16.69
CA THR C 336 21.72 7.18 -17.35
C THR C 336 22.54 7.98 -16.35
N SER C 337 22.16 7.88 -15.08
CA SER C 337 22.86 8.61 -14.04
C SER C 337 24.01 7.81 -13.43
N GLY C 338 23.79 6.53 -13.17
CA GLY C 338 24.85 5.72 -12.60
C GLY C 338 25.34 4.60 -13.48
N GLY C 339 24.79 4.52 -14.70
CA GLY C 339 25.18 3.46 -15.62
C GLY C 339 26.54 3.63 -16.28
N THR C 340 27.04 2.54 -16.84
CA THR C 340 28.32 2.55 -17.53
C THR C 340 28.09 3.07 -18.94
N VAL C 341 29.17 3.49 -19.61
CA VAL C 341 29.04 4.00 -20.98
C VAL C 341 28.34 2.97 -21.86
N GLU C 342 28.90 1.77 -21.84
CA GLU C 342 28.39 0.65 -22.62
C GLU C 342 26.90 0.43 -22.43
N GLN C 343 26.44 0.62 -21.20
CA GLN C 343 25.04 0.46 -20.85
C GLN C 343 24.23 1.63 -21.38
N ILE C 344 24.75 2.84 -21.25
CA ILE C 344 24.03 4.01 -21.76
C ILE C 344 24.00 3.92 -23.28
N VAL C 345 24.97 3.22 -23.84
CA VAL C 345 25.03 3.03 -25.28
C VAL C 345 23.83 2.15 -25.66
N TYR C 346 23.77 0.98 -25.02
CA TYR C 346 22.69 0.00 -25.23
C TYR C 346 21.33 0.69 -25.10
N LEU C 347 21.19 1.50 -24.07
CA LEU C 347 19.96 2.22 -23.84
C LEU C 347 19.53 2.93 -25.12
N VAL C 348 20.49 3.51 -25.82
CA VAL C 348 20.17 4.21 -27.06
C VAL C 348 19.87 3.24 -28.21
N HIS C 349 20.66 2.19 -28.34
CA HIS C 349 20.41 1.22 -29.41
C HIS C 349 19.02 0.56 -29.24
N CYS C 350 18.37 0.78 -28.10
CA CYS C 350 17.04 0.22 -27.86
C CYS C 350 15.96 1.18 -28.33
N GLY C 351 16.37 2.34 -28.84
CA GLY C 351 15.42 3.32 -29.33
C GLY C 351 14.81 4.18 -28.25
N ILE C 352 15.64 4.59 -27.28
CA ILE C 352 15.16 5.41 -26.17
C ILE C 352 15.06 6.88 -26.52
N ILE C 353 15.95 7.35 -27.40
CA ILE C 353 15.98 8.76 -27.78
C ILE C 353 14.70 9.35 -28.32
N GLU C 354 14.13 8.76 -29.37
CA GLU C 354 12.91 9.31 -29.95
C GLU C 354 11.78 9.54 -28.95
N PRO C 355 11.32 8.49 -28.24
CA PRO C 355 10.24 8.64 -27.27
C PRO C 355 10.55 9.58 -26.09
N LEU C 356 11.83 9.66 -25.74
CA LEU C 356 12.25 10.54 -24.66
C LEU C 356 12.02 11.97 -25.09
N MET C 357 12.27 12.24 -26.36
CA MET C 357 12.11 13.57 -26.93
C MET C 357 10.65 13.99 -27.04
N ASN C 358 9.80 13.08 -27.49
CA ASN C 358 8.39 13.39 -27.63
C ASN C 358 7.77 13.78 -26.30
N LEU C 359 8.42 13.38 -25.21
CA LEU C 359 7.93 13.70 -23.87
C LEU C 359 8.35 15.08 -23.43
N LEU C 360 9.15 15.76 -24.24
CA LEU C 360 9.57 17.11 -23.90
C LEU C 360 8.43 18.04 -24.32
N SER C 361 7.35 17.44 -24.82
CA SER C 361 6.17 18.18 -25.27
C SER C 361 5.08 18.11 -24.21
N ALA C 362 5.49 17.82 -22.98
CA ALA C 362 4.54 17.69 -21.89
C ALA C 362 4.42 18.95 -21.05
N LYS C 363 3.23 19.12 -20.46
CA LYS C 363 2.93 20.27 -19.61
C LYS C 363 3.42 20.04 -18.18
N ASP C 364 4.43 19.19 -18.02
CA ASP C 364 4.97 18.91 -16.69
C ASP C 364 6.40 19.42 -16.64
N THR C 365 6.63 20.45 -15.83
CA THR C 365 7.96 21.05 -15.73
C THR C 365 9.00 20.15 -15.08
N LYS C 366 8.57 19.29 -14.16
CA LYS C 366 9.53 18.40 -13.49
C LYS C 366 9.98 17.26 -14.40
N ILE C 367 9.09 16.76 -15.25
CA ILE C 367 9.46 15.68 -16.16
C ILE C 367 10.44 16.20 -17.20
N ILE C 368 10.22 17.43 -17.65
CA ILE C 368 11.10 18.04 -18.64
C ILE C 368 12.50 18.19 -18.06
N GLN C 369 12.57 18.39 -16.75
CA GLN C 369 13.85 18.52 -16.07
C GLN C 369 14.50 17.15 -15.99
N VAL C 370 13.67 16.15 -15.69
CA VAL C 370 14.12 14.77 -15.59
C VAL C 370 14.66 14.32 -16.95
N ILE C 371 13.87 14.54 -17.99
CA ILE C 371 14.25 14.15 -19.36
C ILE C 371 15.50 14.87 -19.86
N LEU C 372 15.51 16.20 -19.77
CA LEU C 372 16.64 17.00 -20.19
C LEU C 372 17.88 16.50 -19.48
N ASP C 373 17.71 16.29 -18.19
CA ASP C 373 18.77 15.81 -17.33
C ASP C 373 19.32 14.51 -17.88
N ALA C 374 18.43 13.70 -18.43
CA ALA C 374 18.78 12.41 -19.00
C ALA C 374 19.63 12.60 -20.24
N ILE C 375 19.16 13.45 -21.15
CA ILE C 375 19.88 13.74 -22.38
C ILE C 375 21.32 14.12 -22.07
N SER C 376 21.48 15.03 -21.11
CA SER C 376 22.79 15.49 -20.70
C SER C 376 23.66 14.29 -20.33
N ASN C 377 23.11 13.40 -19.51
CA ASN C 377 23.84 12.21 -19.08
C ASN C 377 24.26 11.34 -20.28
N ILE C 378 23.46 11.36 -21.34
CA ILE C 378 23.74 10.56 -22.52
C ILE C 378 24.86 11.18 -23.36
N PHE C 379 24.84 12.50 -23.50
CA PHE C 379 25.88 13.21 -24.24
C PHE C 379 27.17 12.99 -23.47
N GLN C 380 27.10 13.21 -22.16
CA GLN C 380 28.24 13.05 -21.27
C GLN C 380 28.94 11.71 -21.48
N ALA C 381 28.18 10.72 -21.94
CA ALA C 381 28.76 9.39 -22.19
C ALA C 381 29.12 9.30 -23.67
N ALA C 382 28.51 10.18 -24.46
CA ALA C 382 28.76 10.23 -25.90
C ALA C 382 30.09 10.92 -26.16
N GLU C 383 30.53 11.72 -25.19
CA GLU C 383 31.80 12.43 -25.29
C GLU C 383 32.96 11.46 -25.11
N LYS C 384 32.85 10.60 -24.10
CA LYS C 384 33.90 9.60 -23.81
C LYS C 384 34.11 8.71 -25.04
N LEU C 385 33.15 8.75 -25.96
CA LEU C 385 33.22 7.96 -27.18
C LEU C 385 33.42 8.87 -28.39
N GLY C 386 33.19 10.17 -28.21
CA GLY C 386 33.35 11.12 -29.30
C GLY C 386 32.18 11.04 -30.27
N GLU C 387 31.17 10.25 -29.90
CA GLU C 387 29.99 10.07 -30.73
C GLU C 387 29.02 11.22 -30.54
N THR C 388 29.51 12.29 -29.95
CA THR C 388 28.69 13.46 -29.68
C THR C 388 27.85 13.98 -30.84
N GLU C 389 28.43 14.03 -32.04
CA GLU C 389 27.71 14.52 -33.22
C GLU C 389 26.63 13.56 -33.64
N LYS C 390 26.95 12.27 -33.61
CA LYS C 390 25.98 11.25 -33.98
C LYS C 390 24.74 11.40 -33.12
N LEU C 391 24.96 11.60 -31.82
CA LEU C 391 23.85 11.78 -30.89
C LEU C 391 23.12 13.09 -31.21
N SER C 392 23.90 14.12 -31.55
CA SER C 392 23.31 15.41 -31.88
C SER C 392 22.34 15.21 -33.05
N ILE C 393 22.87 14.70 -34.15
CA ILE C 393 22.07 14.47 -35.35
C ILE C 393 20.82 13.69 -34.99
N MET C 394 21.03 12.57 -34.30
CA MET C 394 19.95 11.69 -33.88
C MET C 394 18.78 12.45 -33.26
N ILE C 395 19.09 13.28 -32.26
CA ILE C 395 18.07 14.06 -31.59
C ILE C 395 17.40 14.97 -32.61
N GLU C 396 18.16 15.43 -33.59
CA GLU C 396 17.62 16.30 -34.63
C GLU C 396 16.70 15.54 -35.59
N GLU C 397 17.05 14.28 -35.87
CA GLU C 397 16.28 13.43 -36.77
C GLU C 397 14.82 13.34 -36.31
N CYS C 398 14.63 13.03 -35.03
CA CYS C 398 13.28 12.90 -34.47
C CYS C 398 12.65 14.22 -34.05
N GLY C 399 13.38 15.32 -34.20
CA GLY C 399 12.86 16.63 -33.84
C GLY C 399 13.03 17.01 -32.38
N GLY C 400 14.04 16.42 -31.73
CA GLY C 400 14.29 16.69 -30.33
C GLY C 400 14.96 18.03 -30.17
N LEU C 401 15.86 18.34 -31.10
CA LEU C 401 16.56 19.62 -31.07
C LEU C 401 15.55 20.72 -31.28
N ASP C 402 14.54 20.40 -32.09
CA ASP C 402 13.49 21.35 -32.40
C ASP C 402 12.58 21.56 -31.18
N LYS C 403 13.03 21.09 -30.02
CA LYS C 403 12.24 21.23 -28.79
C LYS C 403 13.13 21.71 -27.65
N ILE C 404 14.38 21.28 -27.66
CA ILE C 404 15.33 21.71 -26.63
C ILE C 404 15.62 23.17 -26.93
N GLU C 405 15.79 23.43 -28.22
CA GLU C 405 16.10 24.76 -28.75
C GLU C 405 14.94 25.71 -28.48
N ALA C 406 13.80 25.14 -28.11
CA ALA C 406 12.61 25.92 -27.80
C ALA C 406 12.46 26.05 -26.29
N LEU C 407 12.96 25.07 -25.56
CA LEU C 407 12.85 25.09 -24.11
C LEU C 407 13.82 26.01 -23.41
N GLN C 408 14.50 26.87 -24.14
CA GLN C 408 15.40 27.82 -23.51
C GLN C 408 14.46 28.94 -23.08
N ARG C 409 13.44 29.15 -23.91
CA ARG C 409 12.41 30.15 -23.70
C ARG C 409 11.28 29.53 -22.88
N HIS C 410 11.63 28.82 -21.81
CA HIS C 410 10.61 28.21 -20.95
C HIS C 410 10.68 28.86 -19.56
N GLU C 411 9.53 29.35 -19.12
CA GLU C 411 9.37 30.03 -17.84
C GLU C 411 10.12 29.48 -16.63
N ASN C 412 10.64 28.26 -16.73
CA ASN C 412 11.36 27.67 -15.62
C ASN C 412 12.82 28.09 -15.64
N GLU C 413 13.54 27.77 -14.57
CA GLU C 413 14.95 28.12 -14.47
C GLU C 413 15.79 26.98 -15.00
N SER C 414 15.52 25.76 -14.52
CA SER C 414 16.27 24.58 -14.96
C SER C 414 16.05 24.33 -16.44
N VAL C 415 14.78 24.35 -16.85
CA VAL C 415 14.42 24.12 -18.25
C VAL C 415 15.23 25.15 -19.05
N TYR C 416 15.00 26.41 -18.71
CA TYR C 416 15.67 27.55 -19.32
C TYR C 416 17.16 27.28 -19.50
N LYS C 417 17.84 27.12 -18.38
CA LYS C 417 19.28 26.87 -18.38
C LYS C 417 19.72 25.54 -19.00
N ALA C 418 19.21 24.43 -18.48
CA ALA C 418 19.55 23.11 -19.01
C ALA C 418 19.41 23.05 -20.52
N SER C 419 18.36 23.67 -21.04
CA SER C 419 18.13 23.70 -22.47
C SER C 419 19.25 24.50 -23.12
N LEU C 420 19.30 25.79 -22.82
CA LEU C 420 20.32 26.70 -23.35
C LEU C 420 21.69 26.04 -23.34
N ASN C 421 22.08 25.50 -22.18
CA ASN C 421 23.37 24.83 -22.05
C ASN C 421 23.50 23.68 -23.05
N LEU C 422 22.43 22.87 -23.18
CA LEU C 422 22.46 21.75 -24.13
C LEU C 422 22.73 22.22 -25.54
N ILE C 423 21.97 23.21 -25.99
CA ILE C 423 22.13 23.78 -27.33
C ILE C 423 23.56 24.29 -27.43
N GLU C 424 23.79 25.35 -26.68
CA GLU C 424 25.07 26.02 -26.57
C GLU C 424 26.25 25.05 -26.59
N LYS C 425 26.20 24.01 -25.76
CA LYS C 425 27.28 23.03 -25.68
C LYS C 425 27.30 21.88 -26.70
N TYR C 426 26.15 21.54 -27.28
CA TYR C 426 26.09 20.44 -28.25
C TYR C 426 25.42 20.77 -29.58
N PHE C 427 24.93 21.99 -29.74
CA PHE C 427 24.27 22.35 -30.99
C PHE C 427 24.70 23.67 -31.55
N SER C 428 26.01 23.87 -31.55
CA SER C 428 26.62 25.07 -32.08
C SER C 428 27.89 24.67 -32.80
#